data_8XTD
#
_entry.id   8XTD
#
_cell.length_a   81.217
_cell.length_b   81.217
_cell.length_c   133.485
_cell.angle_alpha   90.000
_cell.angle_beta   90.000
_cell.angle_gamma   120.000
#
_symmetry.space_group_name_H-M   'P 32 2 1'
#
loop_
_entity.id
_entity.type
_entity.pdbx_description
1 polymer 'Non-structural protein 3'
2 non-polymer '8-[(3R)-3-Aminopiperidin-1-yl]-7-but-2-yn-1-yl-3-methyl-1-[(4-methylquinazolin-2-yl)methyl]-3,7-dihydro-1H-purine-2,6-d ione'
3 non-polymer GLYCEROL
4 water water
#
_entity_poly.entity_id   1
_entity_poly.type   'polypeptide(L)'
_entity_poly.pdbx_seq_one_letter_code
;EVRTIKVFTTVDNINLHTQVVDMSMTYGQQFGPTYLDGADVTKIKPHNSHEGKTFYVLPNDDTLRVEAFEYYHTTDPSFL
GRYMSALNHTKKWKYPQVNGLTSIKWADNNSYLATALLTLQQIELKFNPPALQDAYYRARAGEAANFCALILAYCNKTVG
ELGDVRETMSYLFQHANLDSCKRVLNVVCKTCGQQQTTLKGVEAVMYMGTLSYEQFKKGVQIPCTCGKQATKYLVQQESP
FVMMSAPPAQYELKHGTFTCASEYTGNYQCGHYKHITSKETLYCIDGALLTKSSEYKGPITDVFYKENSYTTTIK
;
_entity_poly.pdbx_strand_id   A
#
loop_
_chem_comp.id
_chem_comp.type
_chem_comp.name
_chem_comp.formula
356 non-polymer '8-[(3R)-3-Aminopiperidin-1-yl]-7-but-2-yn-1-yl-3-methyl-1-[(4-methylquinazolin-2-yl)methyl]-3,7-dihydro-1H-purine-2,6-d ione' 'C25 H28 N8 O2'
GOL non-polymer GLYCEROL 'C3 H8 O3'
#
# COMPACT_ATOMS: atom_id res chain seq x y z
N GLU A 1 -46.20 5.98 -18.32
CA GLU A 1 -45.91 7.45 -18.34
C GLU A 1 -44.39 7.64 -18.47
N VAL A 2 -43.94 8.91 -18.37
CA VAL A 2 -42.52 9.29 -18.41
C VAL A 2 -42.13 9.91 -17.06
N ARG A 3 -41.15 9.32 -16.37
CA ARG A 3 -40.64 9.89 -15.12
C ARG A 3 -39.10 9.85 -15.09
N THR A 4 -38.51 10.93 -14.58
CA THR A 4 -37.08 11.17 -14.64
C THR A 4 -36.66 12.04 -13.46
N ILE A 5 -35.70 11.52 -12.68
CA ILE A 5 -35.01 12.28 -11.65
C ILE A 5 -33.64 12.72 -12.16
N LYS A 6 -33.10 13.75 -11.51
CA LYS A 6 -31.79 14.28 -11.80
C LYS A 6 -30.78 13.72 -10.79
N VAL A 7 -29.64 13.25 -11.31
CA VAL A 7 -28.54 12.79 -10.48
C VAL A 7 -27.25 13.26 -11.13
N PHE A 8 -26.13 13.15 -10.39
CA PHE A 8 -24.82 13.45 -10.96
C PHE A 8 -23.96 12.19 -11.06
N THR A 9 -23.28 12.03 -12.20
CA THR A 9 -22.21 11.05 -12.34
C THR A 9 -20.92 11.76 -11.99
N THR A 10 -19.87 10.99 -11.74
CA THR A 10 -18.54 11.46 -11.37
C THR A 10 -17.55 10.31 -11.56
N VAL A 11 -16.29 10.65 -11.79
CA VAL A 11 -15.28 9.61 -11.70
C VAL A 11 -14.39 9.87 -10.49
N ASP A 12 -14.40 11.09 -9.94
CA ASP A 12 -13.44 11.41 -8.90
C ASP A 12 -14.15 11.91 -7.65
N ASN A 13 -15.48 11.97 -7.74
CA ASN A 13 -16.29 12.34 -6.61
C ASN A 13 -16.01 13.79 -6.22
N ILE A 14 -15.32 14.52 -7.11
CA ILE A 14 -15.19 15.96 -6.93
C ILE A 14 -15.94 16.72 -8.03
N ASN A 15 -15.45 16.61 -9.27
CA ASN A 15 -16.14 17.05 -10.47
C ASN A 15 -17.40 16.21 -10.70
N LEU A 16 -18.57 16.83 -10.52
CA LEU A 16 -19.86 16.20 -10.76
C LEU A 16 -20.34 16.51 -12.18
N HIS A 17 -21.38 15.79 -12.64
CA HIS A 17 -21.94 15.99 -13.97
C HIS A 17 -23.46 15.83 -13.95
N THR A 18 -24.19 16.88 -14.36
CA THR A 18 -25.64 16.75 -14.33
C THR A 18 -26.06 15.75 -15.40
N GLN A 19 -26.93 14.81 -14.99
CA GLN A 19 -27.66 13.91 -15.86
C GLN A 19 -29.13 13.93 -15.45
N VAL A 20 -30.01 13.75 -16.42
CA VAL A 20 -31.40 13.45 -16.13
C VAL A 20 -31.64 11.99 -16.52
N VAL A 21 -32.17 11.20 -15.60
CA VAL A 21 -32.15 9.76 -15.85
C VAL A 21 -33.59 9.28 -15.94
N ASP A 22 -33.85 8.46 -16.97
CA ASP A 22 -35.18 7.90 -17.16
C ASP A 22 -35.42 6.82 -16.10
N MET A 23 -36.53 6.95 -15.38
CA MET A 23 -36.74 6.17 -14.18
C MET A 23 -37.25 4.77 -14.53
N SER A 24 -37.39 4.47 -15.83
CA SER A 24 -37.75 3.13 -16.27
C SER A 24 -36.50 2.28 -16.47
N MET A 25 -35.52 2.87 -17.15
CA MET A 25 -34.30 2.21 -17.58
C MET A 25 -33.28 2.09 -16.43
N THR A 26 -32.55 0.96 -16.41
CA THR A 26 -31.46 0.81 -15.47
C THR A 26 -30.33 1.76 -15.86
N TYR A 27 -29.53 2.11 -14.85
CA TYR A 27 -28.30 2.87 -15.01
C TYR A 27 -27.36 2.21 -16.01
N GLY A 28 -27.33 0.87 -16.02
CA GLY A 28 -26.57 0.15 -17.02
C GLY A 28 -26.98 0.57 -18.43
N GLN A 29 -28.27 0.92 -18.55
CA GLN A 29 -28.84 1.23 -19.85
C GLN A 29 -28.57 2.69 -20.16
N GLN A 30 -28.13 3.44 -19.15
CA GLN A 30 -28.06 4.87 -19.37
C GLN A 30 -26.61 5.33 -19.35
N PHE A 31 -25.85 4.83 -18.37
CA PHE A 31 -24.50 5.35 -18.20
C PHE A 31 -23.54 4.19 -18.38
N GLY A 32 -24.07 2.99 -18.30
CA GLY A 32 -23.25 1.80 -18.32
C GLY A 32 -23.00 1.30 -16.89
N PRO A 33 -21.79 0.76 -16.62
CA PRO A 33 -21.42 0.42 -15.24
C PRO A 33 -21.54 1.69 -14.41
N THR A 34 -22.32 1.58 -13.33
CA THR A 34 -22.59 2.65 -12.39
C THR A 34 -22.49 2.14 -10.96
N TYR A 35 -22.04 3.00 -10.05
CA TYR A 35 -21.93 2.55 -8.68
C TYR A 35 -22.45 3.62 -7.73
N LEU A 36 -23.10 3.17 -6.67
CA LEU A 36 -23.53 4.05 -5.60
C LEU A 36 -22.79 3.66 -4.32
N ASP A 37 -21.69 4.38 -4.08
CA ASP A 37 -20.92 4.32 -2.85
C ASP A 37 -20.43 2.90 -2.66
N GLY A 38 -20.21 2.22 -3.79
CA GLY A 38 -19.57 0.91 -3.81
C GLY A 38 -20.49 -0.14 -4.39
N ALA A 39 -21.78 0.02 -4.09
CA ALA A 39 -22.86 -0.77 -4.61
C ALA A 39 -22.88 -0.73 -6.14
N ASP A 40 -22.88 -1.91 -6.75
CA ASP A 40 -23.19 -1.95 -8.17
C ASP A 40 -24.69 -1.72 -8.37
N VAL A 41 -25.04 -0.68 -9.14
CA VAL A 41 -26.45 -0.39 -9.38
C VAL A 41 -26.75 -0.46 -10.87
N THR A 42 -25.84 -1.06 -11.63
CA THR A 42 -25.94 -1.07 -13.08
C THR A 42 -27.32 -1.58 -13.50
N LYS A 43 -27.94 -2.42 -12.67
CA LYS A 43 -29.11 -3.17 -13.10
C LYS A 43 -30.34 -2.86 -12.26
N ILE A 44 -30.15 -2.09 -11.18
CA ILE A 44 -31.23 -1.42 -10.47
C ILE A 44 -31.78 -0.30 -11.35
N LYS A 45 -33.08 0.01 -11.18
CA LYS A 45 -33.69 1.13 -11.89
C LYS A 45 -33.77 2.30 -10.89
N PRO A 46 -33.64 3.57 -11.35
CA PRO A 46 -33.48 4.70 -10.44
C PRO A 46 -34.65 4.89 -9.50
N HIS A 47 -34.41 4.81 -8.19
CA HIS A 47 -35.36 5.24 -7.18
C HIS A 47 -35.34 6.76 -7.15
N ASN A 48 -36.53 7.36 -7.00
CA ASN A 48 -36.58 8.79 -6.73
C ASN A 48 -36.03 9.00 -5.33
N SER A 49 -35.75 7.88 -4.67
CA SER A 49 -35.00 7.91 -3.42
C SER A 49 -33.52 8.16 -3.72
N HIS A 50 -33.19 8.70 -4.89
CA HIS A 50 -31.80 8.82 -5.33
C HIS A 50 -31.50 10.20 -5.92
N GLU A 51 -32.50 11.07 -5.99
CA GLU A 51 -32.32 12.38 -6.61
C GLU A 51 -31.33 13.27 -5.85
N GLY A 52 -30.34 13.84 -6.57
CA GLY A 52 -29.30 14.70 -6.02
C GLY A 52 -27.96 13.97 -5.77
N LYS A 53 -27.93 12.67 -6.05
CA LYS A 53 -26.87 11.80 -5.59
C LYS A 53 -25.85 11.44 -6.69
N THR A 54 -24.67 11.05 -6.20
CA THR A 54 -23.53 10.90 -7.06
C THR A 54 -23.30 9.43 -7.30
N PHE A 55 -23.30 9.04 -8.57
CA PHE A 55 -22.87 7.72 -8.99
C PHE A 55 -21.50 7.83 -9.62
N TYR A 56 -20.61 6.91 -9.26
CA TYR A 56 -19.41 6.78 -10.07
C TYR A 56 -19.78 6.09 -11.38
N VAL A 57 -19.07 6.41 -12.47
CA VAL A 57 -19.32 5.74 -13.73
C VAL A 57 -18.00 5.30 -14.39
N LEU A 58 -18.07 4.35 -15.32
CA LEU A 58 -16.86 4.07 -16.08
C LEU A 58 -16.55 5.30 -16.92
N PRO A 59 -15.26 5.66 -17.08
CA PRO A 59 -14.82 6.80 -17.90
C PRO A 59 -15.14 6.62 -19.38
N ASN A 60 -16.42 6.73 -19.74
CA ASN A 60 -16.87 6.49 -21.10
C ASN A 60 -16.36 7.57 -22.09
N ASP A 61 -16.40 8.86 -21.70
CA ASP A 61 -16.12 9.97 -22.60
C ASP A 61 -14.74 10.55 -22.31
N ASP A 62 -14.29 11.57 -23.07
CA ASP A 62 -12.97 12.16 -22.87
C ASP A 62 -12.87 13.09 -21.65
N THR A 63 -13.88 13.93 -21.42
CA THR A 63 -13.92 14.66 -20.18
C THR A 63 -13.61 13.70 -19.02
N LEU A 64 -14.41 12.62 -18.87
CA LEU A 64 -14.18 11.59 -17.87
C LEU A 64 -12.78 10.96 -17.99
N ARG A 65 -12.31 10.66 -19.21
CA ARG A 65 -11.03 9.99 -19.40
C ARG A 65 -9.93 10.79 -18.72
N VAL A 66 -10.05 12.12 -18.73
CA VAL A 66 -8.98 13.00 -18.26
C VAL A 66 -9.10 13.27 -16.75
N GLU A 67 -10.31 13.39 -16.23
CA GLU A 67 -10.49 13.60 -14.79
C GLU A 67 -9.95 12.37 -14.07
N ALA A 68 -10.25 11.18 -14.61
CA ALA A 68 -9.91 9.91 -13.98
C ALA A 68 -8.39 9.73 -14.05
N PHE A 69 -7.81 10.07 -15.20
CA PHE A 69 -6.36 10.05 -15.26
C PHE A 69 -5.66 10.97 -14.24
N GLU A 70 -6.21 12.16 -14.03
CA GLU A 70 -5.49 13.19 -13.29
C GLU A 70 -5.59 12.94 -11.79
N TYR A 71 -6.70 12.32 -11.38
CA TYR A 71 -7.03 12.06 -9.99
C TYR A 71 -6.35 10.78 -9.48
N TYR A 72 -6.24 9.75 -10.36
CA TYR A 72 -5.82 8.38 -10.05
C TYR A 72 -4.49 8.03 -10.67
N HIS A 73 -4.11 8.68 -11.77
CA HIS A 73 -2.87 8.38 -12.45
C HIS A 73 -2.87 6.98 -13.06
N THR A 74 -4.03 6.50 -13.49
CA THR A 74 -4.04 5.25 -14.22
C THR A 74 -5.14 5.34 -15.25
N THR A 75 -5.00 4.52 -16.30
CA THR A 75 -5.92 4.41 -17.42
C THR A 75 -6.31 2.94 -17.51
N ASP A 76 -6.10 2.21 -16.42
CA ASP A 76 -6.45 0.80 -16.45
C ASP A 76 -7.95 0.73 -16.69
N PRO A 77 -8.41 0.16 -17.83
CA PRO A 77 -9.85 0.12 -18.13
C PRO A 77 -10.71 -0.39 -16.98
N SER A 78 -10.12 -1.18 -16.07
CA SER A 78 -10.92 -1.86 -15.07
C SER A 78 -10.82 -1.20 -13.69
N PHE A 79 -9.94 -0.20 -13.54
CA PHE A 79 -9.62 0.33 -12.23
C PHE A 79 -10.87 0.70 -11.42
N LEU A 80 -11.92 1.22 -12.08
CA LEU A 80 -12.96 1.89 -11.32
C LEU A 80 -13.84 0.87 -10.63
N GLY A 81 -14.33 -0.13 -11.38
CA GLY A 81 -15.07 -1.25 -10.80
C GLY A 81 -14.29 -1.90 -9.66
N ARG A 82 -13.01 -2.20 -9.91
CA ARG A 82 -12.17 -2.80 -8.89
C ARG A 82 -12.25 -1.96 -7.62
N TYR A 83 -12.14 -0.62 -7.73
CA TYR A 83 -12.13 0.32 -6.63
C TYR A 83 -13.49 0.38 -5.92
N MET A 84 -14.60 0.25 -6.67
CA MET A 84 -15.92 0.25 -6.06
C MET A 84 -16.19 -1.11 -5.43
N SER A 85 -15.78 -2.20 -6.10
CA SER A 85 -16.04 -3.52 -5.53
C SER A 85 -15.37 -3.67 -4.17
N ALA A 86 -14.13 -3.22 -4.06
CA ALA A 86 -13.37 -3.20 -2.82
C ALA A 86 -13.95 -2.22 -1.80
N LEU A 87 -14.43 -1.04 -2.26
CA LEU A 87 -14.95 -0.01 -1.36
C LEU A 87 -16.23 -0.54 -0.70
N ASN A 88 -16.89 -1.46 -1.42
CA ASN A 88 -18.19 -1.92 -0.99
C ASN A 88 -18.07 -2.84 0.23
N HIS A 89 -16.89 -3.40 0.44
CA HIS A 89 -16.58 -4.08 1.68
C HIS A 89 -15.78 -3.17 2.62
N THR A 90 -14.91 -2.30 2.10
CA THR A 90 -14.08 -1.52 3.00
C THR A 90 -14.92 -0.55 3.82
N LYS A 91 -16.01 -0.05 3.22
CA LYS A 91 -16.91 0.85 3.93
C LYS A 91 -17.43 0.22 5.22
N LYS A 92 -17.53 -1.12 5.28
CA LYS A 92 -18.02 -1.90 6.42
C LYS A 92 -16.91 -2.42 7.35
N TRP A 93 -15.65 -2.04 7.13
CA TRP A 93 -14.62 -2.43 8.07
C TRP A 93 -14.54 -1.46 9.26
N LYS A 94 -13.76 -1.85 10.28
CA LYS A 94 -13.50 -1.01 11.42
C LYS A 94 -12.02 -0.61 11.47
N TYR A 95 -11.79 0.70 11.55
CA TYR A 95 -10.47 1.27 11.59
C TYR A 95 -10.23 1.85 12.99
N PRO A 96 -9.97 1.01 14.03
CA PRO A 96 -9.79 1.53 15.39
C PRO A 96 -8.49 2.32 15.43
N GLN A 97 -8.46 3.28 16.37
CA GLN A 97 -7.23 3.90 16.80
C GLN A 97 -6.49 3.01 17.82
N VAL A 98 -5.28 2.56 17.44
CA VAL A 98 -4.47 1.67 18.24
C VAL A 98 -3.12 2.33 18.43
N ASN A 99 -2.73 2.54 19.70
CA ASN A 99 -1.62 3.39 20.11
C ASN A 99 -1.47 4.68 19.27
N GLY A 100 -2.58 5.29 18.84
CA GLY A 100 -2.47 6.52 18.08
C GLY A 100 -2.14 6.31 16.60
N LEU A 101 -2.33 5.09 16.10
CA LEU A 101 -2.25 4.83 14.66
C LEU A 101 -3.63 4.31 14.25
N THR A 102 -4.03 4.54 12.99
CA THR A 102 -5.23 3.88 12.50
C THR A 102 -4.87 2.44 12.10
N SER A 103 -5.58 1.48 12.67
CA SER A 103 -5.42 0.09 12.23
C SER A 103 -6.66 -0.40 11.48
N ILE A 104 -6.71 -1.71 11.20
CA ILE A 104 -7.95 -2.29 10.68
C ILE A 104 -8.37 -3.52 11.49
N LYS A 105 -9.63 -3.52 11.96
CA LYS A 105 -10.23 -4.69 12.59
C LYS A 105 -10.30 -5.84 11.59
N TRP A 106 -9.57 -6.93 11.87
CA TRP A 106 -9.40 -8.06 10.96
C TRP A 106 -10.72 -8.45 10.29
N ALA A 107 -10.75 -8.32 8.96
CA ALA A 107 -11.75 -9.05 8.18
C ALA A 107 -11.17 -9.39 6.81
N ASP A 108 -11.77 -10.41 6.20
CA ASP A 108 -11.57 -10.74 4.79
C ASP A 108 -10.07 -10.86 4.50
N ASN A 109 -9.27 -11.20 5.52
CA ASN A 109 -7.86 -11.42 5.28
C ASN A 109 -7.15 -10.10 4.95
N ASN A 110 -7.55 -9.02 5.60
CA ASN A 110 -6.93 -7.72 5.38
C ASN A 110 -5.69 -7.55 6.24
N SER A 111 -5.23 -8.63 6.85
CA SER A 111 -4.02 -8.63 7.68
C SER A 111 -2.86 -7.88 7.01
N TYR A 112 -2.61 -8.17 5.73
CA TYR A 112 -1.55 -7.49 5.02
C TYR A 112 -1.82 -5.98 4.91
N LEU A 113 -3.11 -5.56 4.90
CA LEU A 113 -3.36 -4.13 4.74
C LEU A 113 -3.04 -3.38 6.02
N ALA A 114 -3.48 -4.00 7.13
CA ALA A 114 -3.45 -3.29 8.38
C ALA A 114 -1.98 -3.01 8.62
N THR A 115 -1.13 -3.96 8.24
CA THR A 115 0.29 -3.79 8.52
C THR A 115 0.92 -2.80 7.53
N ALA A 116 0.66 -2.95 6.22
CA ALA A 116 1.01 -1.92 5.25
C ALA A 116 0.56 -0.54 5.76
N LEU A 117 -0.71 -0.43 6.17
CA LEU A 117 -1.27 0.85 6.51
C LEU A 117 -0.55 1.44 7.72
N LEU A 118 -0.27 0.57 8.69
CA LEU A 118 0.34 1.00 9.94
C LEU A 118 1.77 1.42 9.63
N THR A 119 2.36 0.81 8.60
CA THR A 119 3.71 1.17 8.19
C THR A 119 3.75 2.60 7.61
N LEU A 120 2.69 2.98 6.87
CA LEU A 120 2.61 4.29 6.24
C LEU A 120 2.52 5.40 7.26
N GLN A 121 1.66 5.22 8.27
CA GLN A 121 1.48 6.26 9.26
C GLN A 121 2.76 6.38 10.07
N GLN A 122 3.87 5.92 9.52
CA GLN A 122 5.07 5.75 10.30
C GLN A 122 6.32 6.15 9.51
N ILE A 123 6.21 6.36 8.20
CA ILE A 123 7.38 6.68 7.40
C ILE A 123 7.03 7.85 6.49
N GLU A 124 8.06 8.53 5.98
CA GLU A 124 7.87 9.76 5.22
C GLU A 124 7.70 9.46 3.73
N LEU A 125 6.45 9.40 3.29
CA LEU A 125 6.15 9.09 1.90
C LEU A 125 5.17 10.12 1.35
N LYS A 126 5.39 10.62 0.12
CA LYS A 126 4.37 11.51 -0.40
C LYS A 126 3.83 10.99 -1.72
N PHE A 127 2.50 10.80 -1.74
CA PHE A 127 1.77 10.14 -2.79
C PHE A 127 1.51 11.07 -3.97
N ASN A 128 1.46 10.51 -5.18
CA ASN A 128 1.36 11.38 -6.34
C ASN A 128 -0.05 11.47 -6.89
N PRO A 129 -0.81 10.36 -7.06
CA PRO A 129 -2.25 10.46 -7.33
C PRO A 129 -2.95 11.28 -6.25
N PRO A 130 -3.53 12.45 -6.56
CA PRO A 130 -4.28 13.21 -5.59
C PRO A 130 -5.19 12.23 -4.86
N ALA A 131 -5.52 11.10 -5.51
CA ALA A 131 -6.52 10.23 -4.92
C ALA A 131 -5.96 9.75 -3.58
N LEU A 132 -4.68 9.38 -3.63
CA LEU A 132 -3.98 8.80 -2.48
C LEU A 132 -3.73 9.89 -1.47
N GLN A 133 -3.17 11.03 -1.94
CA GLN A 133 -3.07 12.28 -1.19
C GLN A 133 -4.27 12.46 -0.24
N ASP A 134 -5.48 12.51 -0.84
CA ASP A 134 -6.77 12.83 -0.23
C ASP A 134 -7.19 11.70 0.71
N ALA A 135 -7.18 10.48 0.17
CA ALA A 135 -7.65 9.30 0.87
C ALA A 135 -6.71 8.91 2.03
N TYR A 136 -5.40 9.14 1.86
CA TYR A 136 -4.48 8.86 2.93
C TYR A 136 -4.79 9.80 4.08
N TYR A 137 -5.00 11.08 3.77
CA TYR A 137 -5.19 12.11 4.77
C TYR A 137 -6.43 11.78 5.60
N ARG A 138 -7.53 11.39 4.96
CA ARG A 138 -8.64 10.98 5.79
C ARG A 138 -8.24 9.75 6.59
N ALA A 139 -7.38 8.88 6.01
CA ALA A 139 -7.02 7.65 6.70
C ALA A 139 -6.29 7.99 7.98
N ARG A 140 -5.31 8.91 7.89
CA ARG A 140 -4.62 9.33 9.10
C ARG A 140 -5.67 9.77 10.13
N ALA A 141 -6.72 10.46 9.68
CA ALA A 141 -7.73 11.03 10.56
C ALA A 141 -8.64 9.93 11.06
N GLY A 142 -8.33 8.69 10.67
CA GLY A 142 -9.01 7.49 11.15
C GLY A 142 -10.20 7.09 10.29
N GLU A 143 -10.26 7.59 9.05
CA GLU A 143 -11.33 7.32 8.11
C GLU A 143 -10.72 6.73 6.85
N ALA A 144 -10.71 5.39 6.78
CA ALA A 144 -9.72 4.77 5.91
C ALA A 144 -10.32 3.87 4.85
N ALA A 145 -11.66 3.81 4.78
CA ALA A 145 -12.26 2.88 3.83
C ALA A 145 -11.70 3.10 2.44
N ASN A 146 -11.60 4.38 2.06
CA ASN A 146 -11.26 4.80 0.72
C ASN A 146 -9.81 4.46 0.40
N PHE A 147 -8.93 4.75 1.37
CA PHE A 147 -7.53 4.43 1.22
C PHE A 147 -7.40 2.93 0.93
N CYS A 148 -8.20 2.13 1.65
CA CYS A 148 -8.08 0.68 1.62
C CYS A 148 -8.54 0.18 0.26
N ALA A 149 -9.74 0.59 -0.12
CA ALA A 149 -10.24 0.22 -1.42
C ALA A 149 -9.24 0.71 -2.47
N LEU A 150 -8.62 1.86 -2.25
CA LEU A 150 -7.68 2.36 -3.23
C LEU A 150 -6.47 1.42 -3.36
N ILE A 151 -5.98 0.90 -2.22
CA ILE A 151 -4.81 0.05 -2.28
C ILE A 151 -5.19 -1.24 -2.98
N LEU A 152 -6.36 -1.75 -2.65
CA LEU A 152 -6.84 -2.96 -3.29
C LEU A 152 -6.85 -2.76 -4.79
N ALA A 153 -7.46 -1.65 -5.24
CA ALA A 153 -7.51 -1.36 -6.67
C ALA A 153 -6.12 -1.22 -7.27
N TYR A 154 -5.19 -0.51 -6.62
CA TYR A 154 -3.87 -0.39 -7.21
C TYR A 154 -3.10 -1.72 -7.21
N CYS A 155 -3.52 -2.70 -6.41
CA CYS A 155 -2.75 -3.94 -6.33
C CYS A 155 -3.43 -5.08 -7.09
N ASN A 156 -4.63 -4.84 -7.60
CA ASN A 156 -5.31 -5.86 -8.36
C ASN A 156 -5.60 -7.05 -7.45
N LYS A 157 -5.64 -6.76 -6.16
CA LYS A 157 -6.12 -7.67 -5.16
C LYS A 157 -7.57 -7.31 -4.93
N THR A 158 -8.44 -8.31 -4.87
CA THR A 158 -9.86 -8.14 -4.57
C THR A 158 -10.05 -8.58 -3.11
N VAL A 159 -10.95 -7.91 -2.38
CA VAL A 159 -11.29 -8.23 -1.00
C VAL A 159 -11.35 -9.75 -0.81
N GLY A 160 -10.67 -10.26 0.22
CA GLY A 160 -10.57 -11.71 0.36
C GLY A 160 -9.21 -12.20 -0.13
N GLU A 161 -8.75 -11.83 -1.33
CA GLU A 161 -7.51 -12.37 -1.89
C GLU A 161 -6.38 -12.35 -0.86
N LEU A 162 -5.48 -13.32 -0.93
CA LEU A 162 -4.28 -13.29 -0.10
C LEU A 162 -3.31 -12.28 -0.70
N GLY A 163 -2.74 -11.43 0.15
CA GLY A 163 -1.81 -10.41 -0.30
C GLY A 163 -0.52 -10.43 0.49
N ASP A 164 0.53 -9.85 -0.10
CA ASP A 164 1.90 -9.84 0.40
C ASP A 164 2.27 -8.40 0.71
N VAL A 165 2.86 -8.17 1.89
CA VAL A 165 3.12 -6.81 2.34
C VAL A 165 4.16 -6.19 1.42
N ARG A 166 5.22 -6.92 1.13
CA ARG A 166 6.27 -6.40 0.28
C ARG A 166 5.66 -5.85 -1.02
N GLU A 167 4.91 -6.69 -1.74
CA GLU A 167 4.41 -6.37 -3.06
C GLU A 167 3.50 -5.16 -2.99
N THR A 168 2.61 -5.18 -2.00
CA THR A 168 1.79 -4.03 -1.64
C THR A 168 2.63 -2.76 -1.56
N MET A 169 3.75 -2.78 -0.84
CA MET A 169 4.51 -1.55 -0.66
C MET A 169 5.20 -1.15 -1.98
N SER A 170 5.52 -2.14 -2.79
CA SER A 170 6.04 -1.92 -4.11
C SER A 170 5.06 -1.05 -4.92
N TYR A 171 3.76 -1.38 -4.81
CA TYR A 171 2.72 -0.67 -5.54
C TYR A 171 2.57 0.76 -5.04
N LEU A 172 2.50 0.96 -3.73
CA LEU A 172 2.30 2.29 -3.20
C LEU A 172 3.56 3.12 -3.48
N PHE A 173 4.74 2.51 -3.36
CA PHE A 173 5.97 3.25 -3.66
C PHE A 173 5.93 3.79 -5.09
N GLN A 174 5.41 2.98 -6.02
CA GLN A 174 5.37 3.35 -7.42
C GLN A 174 4.61 4.67 -7.58
N HIS A 175 3.70 4.99 -6.65
CA HIS A 175 2.79 6.12 -6.79
C HIS A 175 3.16 7.18 -5.75
N ALA A 176 4.45 7.18 -5.37
CA ALA A 176 5.01 8.05 -4.35
C ALA A 176 6.31 8.66 -4.87
N ASN A 177 6.58 9.90 -4.46
CA ASN A 177 7.71 10.64 -4.99
C ASN A 177 9.00 10.19 -4.30
N LEU A 178 9.79 9.35 -4.96
CA LEU A 178 11.04 8.95 -4.31
C LEU A 178 12.21 9.19 -5.26
N ASP A 179 12.12 10.22 -6.11
CA ASP A 179 13.17 10.43 -7.10
C ASP A 179 14.49 10.71 -6.39
N SER A 180 14.48 11.65 -5.46
CA SER A 180 15.70 12.03 -4.76
C SER A 180 16.40 10.82 -4.12
N CYS A 181 15.72 9.66 -4.07
CA CYS A 181 16.23 8.44 -3.45
C CYS A 181 17.29 7.78 -4.31
N LYS A 182 18.40 7.41 -3.64
CA LYS A 182 19.65 6.97 -4.26
C LYS A 182 20.38 5.97 -3.37
N ARG A 183 20.61 4.76 -3.90
CA ARG A 183 21.40 3.74 -3.24
C ARG A 183 22.57 3.37 -4.13
N VAL A 184 23.75 3.27 -3.51
CA VAL A 184 24.95 2.79 -4.18
C VAL A 184 25.43 1.55 -3.43
N LEU A 185 25.59 0.44 -4.17
CA LEU A 185 26.05 -0.85 -3.68
C LEU A 185 27.37 -1.24 -4.35
N ASN A 186 28.11 -2.17 -3.70
CA ASN A 186 29.28 -2.82 -4.28
C ASN A 186 29.28 -4.31 -3.90
N VAL A 187 29.61 -5.19 -4.85
CA VAL A 187 29.72 -6.60 -4.46
C VAL A 187 31.12 -7.14 -4.76
N VAL A 188 31.79 -7.54 -3.67
CA VAL A 188 33.18 -7.94 -3.67
C VAL A 188 33.22 -9.43 -3.35
N CYS A 189 33.85 -10.20 -4.24
CA CYS A 189 34.34 -11.52 -3.90
C CYS A 189 35.79 -11.36 -3.47
N LYS A 190 36.38 -12.42 -2.91
CA LYS A 190 37.74 -12.32 -2.40
C LYS A 190 38.78 -12.34 -3.52
N THR A 191 38.38 -12.71 -4.74
CA THR A 191 39.34 -12.91 -5.81
C THR A 191 38.80 -12.39 -7.14
N CYS A 192 37.70 -11.64 -7.11
CA CYS A 192 37.12 -11.07 -8.31
C CYS A 192 37.57 -9.62 -8.47
N GLY A 193 37.10 -8.98 -9.55
CA GLY A 193 37.31 -7.55 -9.77
C GLY A 193 36.11 -6.71 -9.32
N GLN A 194 35.41 -7.20 -8.28
CA GLN A 194 34.39 -6.50 -7.49
C GLN A 194 33.64 -5.41 -8.26
N GLN A 195 32.41 -5.73 -8.71
CA GLN A 195 31.58 -4.84 -9.51
C GLN A 195 30.66 -4.04 -8.58
N GLN A 196 30.50 -2.75 -8.90
CA GLN A 196 29.60 -1.87 -8.15
C GLN A 196 28.39 -1.51 -9.04
N THR A 197 27.25 -1.17 -8.40
CA THR A 197 26.05 -0.68 -9.08
C THR A 197 25.39 0.44 -8.27
N THR A 198 24.68 1.31 -8.98
CA THR A 198 23.91 2.36 -8.35
C THR A 198 22.42 2.14 -8.64
N LEU A 199 21.57 2.32 -7.62
CA LEU A 199 20.12 2.15 -7.76
C LEU A 199 19.39 3.43 -7.38
N LYS A 200 18.40 3.79 -8.19
CA LYS A 200 17.63 5.03 -8.02
C LYS A 200 16.14 4.74 -7.82
N GLY A 201 15.51 5.58 -6.99
CA GLY A 201 14.08 5.58 -6.74
C GLY A 201 13.70 4.51 -5.74
N VAL A 202 12.66 3.74 -6.09
CA VAL A 202 12.11 2.63 -5.33
C VAL A 202 13.17 1.53 -5.10
N GLU A 203 13.93 1.23 -6.16
CA GLU A 203 15.02 0.25 -6.16
C GLU A 203 16.06 0.57 -5.08
N ALA A 204 15.98 1.78 -4.53
CA ALA A 204 17.00 2.26 -3.61
C ALA A 204 16.55 2.08 -2.17
N VAL A 205 15.25 1.79 -1.96
CA VAL A 205 14.69 1.80 -0.61
C VAL A 205 14.25 0.40 -0.23
N MET A 206 14.15 -0.47 -1.23
CA MET A 206 13.83 -1.87 -1.00
C MET A 206 15.05 -2.76 -1.28
N TYR A 207 15.31 -3.71 -0.38
CA TYR A 207 16.26 -4.79 -0.58
C TYR A 207 15.59 -6.08 -0.13
N MET A 208 15.73 -7.14 -0.94
CA MET A 208 15.17 -8.44 -0.58
C MET A 208 16.28 -9.44 -0.31
N GLY A 209 16.30 -10.01 0.90
CA GLY A 209 17.36 -10.97 1.20
C GLY A 209 17.85 -10.96 2.65
N THR A 210 17.97 -9.77 3.27
CA THR A 210 18.27 -9.73 4.71
C THR A 210 17.33 -8.75 5.44
N LEU A 211 16.99 -9.03 6.71
CA LEU A 211 16.22 -8.09 7.52
C LEU A 211 17.15 -7.04 8.13
N SER A 212 18.43 -7.37 8.28
CA SER A 212 19.26 -6.53 9.10
C SER A 212 19.90 -5.46 8.23
N TYR A 213 19.69 -4.19 8.61
CA TYR A 213 20.20 -3.06 7.84
C TYR A 213 21.70 -2.94 8.06
N GLU A 214 22.10 -2.86 9.34
CA GLU A 214 23.50 -2.84 9.76
C GLU A 214 24.25 -4.03 9.14
N GLN A 215 23.57 -5.17 8.96
CA GLN A 215 24.17 -6.33 8.35
C GLN A 215 24.59 -6.02 6.92
N PHE A 216 23.71 -5.33 6.18
CA PHE A 216 23.91 -4.98 4.80
C PHE A 216 25.00 -3.92 4.68
N LYS A 217 25.20 -3.19 5.79
CA LYS A 217 26.20 -2.13 5.88
C LYS A 217 27.58 -2.75 5.93
N LYS A 218 27.64 -3.92 6.57
CA LYS A 218 28.88 -4.63 6.88
C LYS A 218 29.21 -5.68 5.82
N GLY A 219 28.22 -6.10 5.02
CA GLY A 219 28.44 -7.12 4.01
C GLY A 219 27.46 -8.29 4.16
N VAL A 220 27.01 -8.80 3.01
CA VAL A 220 26.07 -9.91 2.94
C VAL A 220 26.60 -10.86 1.88
N GLN A 221 26.92 -12.10 2.28
CA GLN A 221 27.37 -13.14 1.35
C GLN A 221 26.18 -13.50 0.47
N ILE A 222 26.38 -13.44 -0.85
CA ILE A 222 25.26 -13.65 -1.77
C ILE A 222 25.62 -14.77 -2.74
N PRO A 223 24.63 -15.55 -3.24
CA PRO A 223 24.89 -16.55 -4.29
C PRO A 223 25.48 -15.99 -5.59
N CYS A 224 26.78 -15.63 -5.55
CA CYS A 224 27.48 -14.91 -6.60
C CYS A 224 28.10 -15.88 -7.62
N THR A 225 28.68 -15.34 -8.70
CA THR A 225 29.23 -16.10 -9.82
C THR A 225 30.74 -15.88 -9.91
N CYS A 226 31.45 -16.21 -8.82
CA CYS A 226 32.89 -16.07 -8.71
C CYS A 226 33.50 -17.41 -8.34
N GLY A 227 34.77 -17.37 -7.89
CA GLY A 227 35.38 -18.52 -7.25
C GLY A 227 35.51 -18.30 -5.75
N LYS A 228 34.36 -18.48 -5.05
CA LYS A 228 34.17 -18.26 -3.63
C LYS A 228 32.76 -17.71 -3.40
N GLN A 229 32.50 -17.20 -2.18
CA GLN A 229 31.32 -16.38 -1.94
C GLN A 229 31.72 -14.92 -1.78
N ALA A 230 30.89 -14.06 -2.39
CA ALA A 230 31.07 -12.62 -2.44
C ALA A 230 30.17 -11.93 -1.41
N THR A 231 30.73 -10.86 -0.84
CA THR A 231 30.04 -9.94 0.07
C THR A 231 29.40 -8.80 -0.74
N LYS A 232 28.09 -8.62 -0.55
CA LYS A 232 27.38 -7.42 -0.99
C LYS A 232 27.35 -6.40 0.16
N TYR A 233 27.83 -5.18 -0.11
CA TYR A 233 27.91 -4.20 0.96
C TYR A 233 27.42 -2.84 0.42
N LEU A 234 26.82 -2.06 1.33
CA LEU A 234 26.17 -0.81 1.02
C LEU A 234 27.17 0.34 1.13
N VAL A 235 27.32 1.07 0.01
CA VAL A 235 28.34 2.09 -0.13
C VAL A 235 27.75 3.46 0.24
N GLN A 236 26.50 3.70 -0.17
CA GLN A 236 25.90 5.02 -0.08
C GLN A 236 24.38 4.89 -0.10
N GLN A 237 23.74 5.58 0.87
CA GLN A 237 22.27 5.59 1.01
C GLN A 237 21.73 7.03 1.16
N GLU A 238 20.88 7.41 0.20
CA GLU A 238 20.17 8.68 0.18
C GLU A 238 18.67 8.42 0.08
N SER A 239 17.96 8.63 1.21
CA SER A 239 16.53 8.35 1.31
C SER A 239 16.02 8.62 2.72
N PRO A 240 14.70 8.88 2.89
CA PRO A 240 14.12 9.10 4.22
C PRO A 240 13.78 7.83 5.00
N PHE A 241 13.80 6.68 4.32
CA PHE A 241 13.75 5.41 5.03
C PHE A 241 14.37 4.37 4.11
N VAL A 242 14.61 3.17 4.65
CA VAL A 242 14.91 1.97 3.88
C VAL A 242 14.07 0.82 4.39
N MET A 243 13.81 -0.15 3.51
CA MET A 243 13.02 -1.34 3.83
C MET A 243 13.87 -2.57 3.53
N MET A 244 14.06 -3.41 4.55
CA MET A 244 14.73 -4.69 4.38
C MET A 244 13.70 -5.81 4.47
N SER A 245 13.68 -6.64 3.41
CA SER A 245 12.78 -7.78 3.33
C SER A 245 13.57 -9.06 3.05
N ALA A 246 12.91 -10.20 3.31
CA ALA A 246 13.48 -11.54 3.24
C ALA A 246 12.38 -12.51 3.65
N PRO A 247 12.49 -13.79 3.24
CA PRO A 247 11.47 -14.80 3.54
C PRO A 247 11.31 -14.94 5.04
N PRO A 248 10.12 -15.41 5.50
CA PRO A 248 9.79 -15.46 6.92
C PRO A 248 10.85 -16.30 7.61
N ALA A 249 11.51 -15.71 8.61
CA ALA A 249 12.57 -16.37 9.36
C ALA A 249 12.56 -15.82 10.78
N GLN A 250 12.65 -16.72 11.78
CA GLN A 250 12.77 -16.35 13.17
C GLN A 250 13.85 -15.28 13.31
N TYR A 251 13.49 -14.12 13.86
CA TYR A 251 14.40 -12.99 14.01
C TYR A 251 13.95 -12.22 15.25
N GLU A 252 14.90 -11.55 15.92
CA GLU A 252 14.64 -10.77 17.12
C GLU A 252 14.72 -9.27 16.85
N LEU A 253 13.70 -8.52 17.27
CA LEU A 253 13.68 -7.08 17.11
C LEU A 253 13.99 -6.44 18.45
N LYS A 254 14.95 -5.52 18.42
CA LYS A 254 15.47 -4.90 19.62
C LYS A 254 15.00 -3.45 19.67
N HIS A 255 14.25 -3.14 20.73
CA HIS A 255 13.83 -1.78 21.01
C HIS A 255 14.88 -0.75 20.54
N GLY A 256 14.40 0.29 19.86
CA GLY A 256 15.25 1.44 19.56
C GLY A 256 16.13 1.21 18.35
N THR A 257 15.97 0.07 17.65
CA THR A 257 16.90 -0.29 16.58
C THR A 257 16.21 -0.19 15.22
N PHE A 258 14.88 -0.34 15.20
CA PHE A 258 14.13 -0.21 13.96
C PHE A 258 12.91 0.67 14.21
N THR A 259 12.21 1.08 13.13
CA THR A 259 10.93 1.77 13.27
C THR A 259 9.81 0.72 13.29
N CYS A 260 9.75 -0.15 12.29
CA CYS A 260 8.74 -1.18 12.40
C CYS A 260 9.10 -2.37 11.52
N ALA A 261 8.24 -3.41 11.61
CA ALA A 261 8.52 -4.71 11.04
C ALA A 261 7.21 -5.43 10.74
N SER A 262 7.28 -6.55 10.02
CA SER A 262 6.12 -7.35 9.70
C SER A 262 6.39 -8.80 10.05
N GLU A 263 5.49 -9.38 10.85
CA GLU A 263 5.65 -10.77 11.23
C GLU A 263 4.70 -11.56 10.34
N TYR A 264 5.16 -12.67 9.76
CA TYR A 264 4.26 -13.51 8.99
C TYR A 264 4.33 -14.93 9.55
N THR A 265 3.17 -15.42 9.96
CA THR A 265 2.96 -16.64 10.74
C THR A 265 1.99 -17.54 10.00
N GLY A 266 2.44 -18.76 9.68
CA GLY A 266 1.64 -19.66 8.86
C GLY A 266 2.46 -20.18 7.68
N ASN A 267 1.87 -20.20 6.49
CA ASN A 267 2.62 -20.59 5.29
C ASN A 267 2.15 -19.77 4.10
N TYR A 268 2.60 -20.17 2.89
CA TYR A 268 2.14 -19.56 1.65
C TYR A 268 0.61 -19.59 1.61
N GLN A 269 0.03 -20.73 2.01
CA GLN A 269 -1.39 -20.93 1.84
C GLN A 269 -2.14 -20.29 3.01
N CYS A 270 -1.77 -20.65 4.24
CA CYS A 270 -2.49 -20.17 5.42
C CYS A 270 -1.51 -19.46 6.36
N GLY A 271 -1.79 -18.18 6.64
CA GLY A 271 -0.95 -17.41 7.56
C GLY A 271 -1.49 -16.01 7.82
N HIS A 272 -0.78 -15.27 8.70
CA HIS A 272 -1.27 -14.03 9.25
C HIS A 272 -0.11 -13.07 9.49
N TYR A 273 -0.20 -11.86 8.92
CA TYR A 273 0.73 -10.80 9.24
C TYR A 273 0.42 -10.17 10.60
N LYS A 274 1.45 -9.59 11.23
CA LYS A 274 1.34 -8.68 12.36
C LYS A 274 2.46 -7.64 12.27
N HIS A 275 2.19 -6.53 12.95
CA HIS A 275 3.02 -5.34 12.85
C HIS A 275 3.61 -5.05 14.22
N ILE A 276 4.94 -4.92 14.24
CA ILE A 276 5.66 -4.50 15.42
C ILE A 276 6.20 -3.10 15.15
N THR A 277 6.02 -2.24 16.15
CA THR A 277 6.46 -0.85 16.12
C THR A 277 7.26 -0.56 17.39
N SER A 278 8.42 0.07 17.20
CA SER A 278 9.34 0.46 18.26
C SER A 278 8.96 1.84 18.75
N LYS A 279 8.44 1.93 19.98
CA LYS A 279 8.08 3.20 20.58
C LYS A 279 8.75 3.28 21.95
N GLU A 280 8.01 3.68 22.98
CA GLU A 280 8.52 3.66 24.35
C GLU A 280 9.05 2.27 24.64
N THR A 281 8.46 1.28 23.95
CA THR A 281 8.73 -0.13 24.10
C THR A 281 8.27 -0.81 22.80
N LEU A 282 8.28 -2.15 22.74
CA LEU A 282 7.75 -2.81 21.57
C LEU A 282 6.25 -3.00 21.72
N TYR A 283 5.49 -2.51 20.72
CA TYR A 283 4.06 -2.74 20.60
C TYR A 283 3.78 -3.65 19.40
N CYS A 284 2.97 -4.68 19.62
CA CYS A 284 2.58 -5.57 18.54
C CYS A 284 1.10 -5.30 18.23
N ILE A 285 0.82 -4.86 16.98
CA ILE A 285 -0.53 -4.51 16.57
C ILE A 285 -1.02 -5.57 15.59
N ASP A 286 -2.15 -6.16 15.97
CA ASP A 286 -2.76 -7.24 15.24
C ASP A 286 -4.23 -6.87 15.10
N GLY A 287 -4.49 -6.04 14.09
CA GLY A 287 -5.80 -5.49 13.81
C GLY A 287 -6.16 -4.59 14.97
N ALA A 288 -7.21 -5.01 15.69
CA ALA A 288 -7.73 -4.26 16.81
C ALA A 288 -6.94 -4.68 18.05
N LEU A 289 -6.15 -5.77 17.92
CA LEU A 289 -5.44 -6.34 19.06
C LEU A 289 -4.15 -5.57 19.33
N LEU A 290 -3.79 -5.48 20.62
CA LEU A 290 -2.59 -4.76 21.02
C LEU A 290 -1.85 -5.57 22.09
N THR A 291 -0.55 -5.80 21.91
CA THR A 291 0.21 -6.37 23.01
C THR A 291 1.54 -5.64 23.14
N LYS A 292 2.25 -5.91 24.25
CA LYS A 292 3.50 -5.24 24.57
C LYS A 292 4.50 -6.26 25.13
N SER A 293 5.77 -6.08 24.75
CA SER A 293 6.90 -6.67 25.47
C SER A 293 8.14 -5.79 25.28
N SER A 294 9.30 -6.28 25.67
CA SER A 294 10.53 -5.50 25.67
C SER A 294 11.47 -5.99 24.59
N GLU A 295 11.29 -7.25 24.21
CA GLU A 295 12.07 -7.85 23.14
C GLU A 295 11.12 -8.77 22.39
N TYR A 296 11.42 -9.05 21.12
CA TYR A 296 10.48 -9.78 20.28
C TYR A 296 11.28 -10.68 19.35
N LYS A 297 11.16 -11.99 19.59
CA LYS A 297 11.60 -13.02 18.67
C LYS A 297 10.35 -13.51 17.96
N GLY A 298 10.51 -13.91 16.71
CA GLY A 298 9.40 -14.29 15.86
C GLY A 298 9.75 -14.20 14.38
N PRO A 299 8.91 -14.75 13.50
CA PRO A 299 9.20 -14.82 12.06
C PRO A 299 8.84 -13.53 11.33
N ILE A 300 9.87 -12.73 11.06
CA ILE A 300 9.76 -11.40 10.50
C ILE A 300 9.99 -11.52 9.00
N THR A 301 9.39 -10.60 8.21
CA THR A 301 9.62 -10.53 6.76
C THR A 301 10.12 -9.15 6.31
N ASP A 302 9.77 -8.11 7.04
CA ASP A 302 10.05 -6.77 6.57
C ASP A 302 10.42 -5.97 7.80
N VAL A 303 11.55 -5.24 7.71
CA VAL A 303 11.92 -4.29 8.73
C VAL A 303 12.22 -2.95 8.07
N PHE A 304 11.68 -1.89 8.64
CA PHE A 304 11.90 -0.59 8.05
C PHE A 304 12.74 0.16 9.06
N TYR A 305 13.59 1.06 8.54
CA TYR A 305 14.46 1.87 9.37
C TYR A 305 14.44 3.29 8.80
N LYS A 306 14.43 4.28 9.71
CA LYS A 306 14.60 5.68 9.37
C LYS A 306 16.01 5.91 8.82
N GLU A 307 16.14 6.83 7.85
CA GLU A 307 17.42 7.15 7.21
C GLU A 307 17.34 8.58 6.66
N ASN A 308 18.44 9.06 6.07
CA ASN A 308 18.47 10.35 5.37
C ASN A 308 19.67 10.35 4.45
N SER A 309 20.82 10.03 5.04
CA SER A 309 22.14 10.16 4.45
C SER A 309 23.07 9.18 5.14
N TYR A 310 23.71 8.31 4.36
CA TYR A 310 24.71 7.39 4.88
C TYR A 310 25.83 7.15 3.86
N THR A 311 27.05 7.47 4.28
CA THR A 311 28.29 7.02 3.66
C THR A 311 28.92 5.93 4.53
N THR A 312 29.26 4.80 3.89
CA THR A 312 30.00 3.72 4.50
C THR A 312 31.46 4.14 4.66
N THR A 313 32.19 3.48 5.58
CA THR A 313 33.58 3.80 5.84
C THR A 313 34.49 2.63 5.46
N ILE A 314 33.89 1.47 5.18
CA ILE A 314 34.59 0.29 4.68
C ILE A 314 35.16 0.59 3.30
N LYS A 315 36.42 0.16 3.07
CA LYS A 315 37.20 0.49 1.89
C LYS A 315 37.08 -0.61 0.82
C1 356 B . 2.98 10.89 -11.36
N2 356 B . 2.84 12.18 -11.93
C3 356 B . 2.21 10.04 -12.12
C4 356 B . 3.73 10.42 -10.25
C5 356 B . 1.95 12.00 -13.01
C6 356 B . 3.50 13.38 -11.44
N7 356 B . 1.59 10.69 -13.13
N8 356 B . 2.13 8.70 -11.82
N9 356 B . 3.61 9.04 -10.00
O10 356 B . 4.46 11.12 -9.55
N11 356 B . 1.50 13.03 -13.89
C12 356 B . 2.75 14.18 -10.46
C13 356 B . 2.82 8.19 -10.73
C14 356 B . 1.30 7.79 -12.64
C15 356 B . 4.38 8.44 -8.88
C16 356 B . 1.48 14.48 -13.65
C17 356 B . 0.85 12.66 -15.16
C18 356 B . 2.00 14.85 -9.64
O19 356 B . 2.76 7.01 -10.45
C20 356 B . 5.72 7.83 -9.23
C21 356 B . 0.03 15.01 -13.52
C22 356 B . -0.13 13.72 -15.65
C23 356 B . 1.01 15.56 -8.79
N24 356 B . 6.78 8.18 -8.49
N25 356 B . 5.78 6.94 -10.23
C26 356 B . -0.92 14.33 -14.50
N27 356 B . -0.51 14.88 -12.15
C28 356 B . 8.00 7.63 -8.78
C29 356 B . 6.95 6.35 -10.54
C30 356 B . 8.13 6.68 -9.82
C31 356 B . 9.15 7.99 -8.04
C32 356 B . 6.92 5.37 -11.67
C33 356 B . 9.41 6.13 -10.10
C34 356 B . 10.36 7.43 -8.33
C35 356 B . 10.49 6.50 -9.37
C1 GOL C . 2.89 -15.32 1.68
O1 GOL C . 1.79 -15.17 0.79
C2 GOL C . 3.90 -14.21 1.52
O2 GOL C . 3.28 -12.93 1.63
C3 GOL C . 5.05 -14.29 2.51
O3 GOL C . 5.12 -13.13 3.32
C1 GOL D . -17.90 -10.27 13.14
O1 GOL D . -18.83 -10.45 12.08
C2 GOL D . -17.73 -8.80 13.51
O2 GOL D . -16.58 -8.64 14.33
C3 GOL D . -18.96 -8.17 14.14
O3 GOL D . -19.22 -8.71 15.45
C1 GOL E . -17.22 -9.03 4.35
O1 GOL E . -16.86 -10.06 5.28
C2 GOL E . -17.85 -7.84 5.04
O2 GOL E . -17.02 -6.69 4.90
C3 GOL E . -19.25 -7.54 4.55
O3 GOL E . -19.22 -6.76 3.36
C1 GOL F . -7.24 -14.52 11.23
O1 GOL F . -6.60 -15.71 10.77
C2 GOL F . -8.02 -14.75 12.51
O2 GOL F . -8.91 -15.86 12.36
C3 GOL F . -8.79 -13.54 13.03
O3 GOL F . -8.02 -12.77 13.94
C1 GOL G . -3.69 -12.73 6.12
O1 GOL G . -4.22 -11.58 5.46
C2 GOL G . -4.49 -13.24 7.31
O2 GOL G . -5.62 -12.42 7.61
C3 GOL G . -4.99 -14.66 7.15
O3 GOL G . -5.57 -14.87 5.86
C1 GOL H . -18.65 -6.56 -5.05
O1 GOL H . -18.44 -5.35 -4.32
C2 GOL H . -18.18 -7.77 -4.25
O2 GOL H . -19.31 -8.45 -3.69
C3 GOL H . -17.31 -8.72 -5.04
O3 GOL H . -16.79 -9.76 -4.22
#